data_4JCJ
#
_entry.id   4JCJ
#
_cell.length_a   57.310
_cell.length_b   56.639
_cell.length_c   179.342
_cell.angle_alpha   90.000
_cell.angle_beta   90.000
_cell.angle_gamma   90.000
#
_symmetry.space_group_name_H-M   'P 2 2 21'
#
loop_
_entity.id
_entity.type
_entity.pdbx_description
1 polymer 'Insulin gene enhancer protein ISL-1,LIM domain-binding protein 1'
2 non-polymer 'ZINC ION'
#
_entity_poly.entity_id   1
_entity_poly.type   'polypeptide(L)'
_entity_poly.pdbx_seq_one_letter_code
;GSKRLISLCVGCGNQIHDQYILRVSPDLEWHAACLKCAECNQYLDESCTCFVRDGKTYCKRDYIRLYGIKCAKCSIGFSK
NDFVMRARSKVYHIECFRCVACSRQLIPGDEFALREDGLFCRADHDVVERGGSGGHMGSGGGDVMVVGEPTLMGGEFGDE
DERLITRLENTQF
;
_entity_poly.pdbx_strand_id   A,B,C
#
loop_
_chem_comp.id
_chem_comp.type
_chem_comp.name
_chem_comp.formula
ZN non-polymer 'ZINC ION' 'Zn 2'
#
# COMPACT_ATOMS: atom_id res chain seq x y z
N ILE A 6 5.10 26.41 10.05
CA ILE A 6 3.74 26.13 9.50
C ILE A 6 3.86 25.09 8.39
N SER A 7 2.72 24.54 7.95
CA SER A 7 2.69 23.58 6.81
C SER A 7 1.38 23.73 6.03
N LEU A 8 1.49 24.07 4.76
CA LEU A 8 0.33 24.38 3.93
C LEU A 8 -0.05 23.16 3.12
N CYS A 9 -1.27 22.68 3.31
CA CYS A 9 -1.73 21.48 2.61
C CYS A 9 -1.77 21.68 1.08
N VAL A 10 -1.00 20.87 0.36
CA VAL A 10 -0.84 21.06 -1.09
C VAL A 10 -2.17 20.93 -1.89
N GLY A 11 -3.14 20.23 -1.32
CA GLY A 11 -4.39 19.97 -2.00
C GLY A 11 -5.24 21.20 -2.06
N CYS A 12 -5.33 21.89 -0.91
CA CYS A 12 -6.26 22.99 -0.70
C CYS A 12 -5.61 24.30 -0.27
N GLY A 13 -4.32 24.28 0.01
CA GLY A 13 -3.56 25.48 0.36
C GLY A 13 -3.64 25.99 1.80
N ASN A 14 -4.54 25.45 2.61
CA ASN A 14 -4.73 25.95 3.98
C ASN A 14 -3.80 25.27 4.97
N GLN A 15 -3.63 25.86 6.17
CA GLN A 15 -2.76 25.26 7.21
C GLN A 15 -3.29 23.91 7.65
N ILE A 16 -2.37 22.97 7.94
CA ILE A 16 -2.75 21.66 8.46
C ILE A 16 -2.69 21.66 9.97
N HIS A 17 -3.83 21.57 10.63
CA HIS A 17 -3.89 21.56 12.10
C HIS A 17 -4.25 20.19 12.70
N ASP A 18 -4.15 19.13 11.88
CA ASP A 18 -4.46 17.77 12.34
C ASP A 18 -3.31 17.23 13.19
N GLN A 19 -3.53 16.14 13.91
CA GLN A 19 -2.47 15.59 14.78
C GLN A 19 -1.29 14.99 13.97
N TYR A 20 -1.60 14.55 12.74
CA TYR A 20 -0.59 14.03 11.83
C TYR A 20 -0.74 14.65 10.45
N ILE A 21 0.39 14.74 9.76
CA ILE A 21 0.50 15.37 8.44
C ILE A 21 1.01 14.25 7.54
N LEU A 22 0.36 14.07 6.40
CA LEU A 22 0.74 13.03 5.46
C LEU A 22 1.71 13.57 4.41
N ARG A 23 2.91 13.00 4.32
CA ARG A 23 3.89 13.47 3.35
C ARG A 23 4.09 12.46 2.23
N VAL A 24 3.73 12.87 1.03
CA VAL A 24 4.20 12.20 -0.16
C VAL A 24 5.64 12.63 -0.41
N SER A 25 6.55 11.68 -0.48
CA SER A 25 7.93 12.01 -0.77
C SER A 25 7.99 12.72 -2.11
N PRO A 26 8.86 13.74 -2.24
CA PRO A 26 9.55 14.47 -1.20
C PRO A 26 8.78 15.74 -0.93
N ASP A 27 8.74 16.20 0.32
CA ASP A 27 8.27 17.55 0.60
C ASP A 27 6.81 17.90 0.19
N LEU A 28 5.94 16.92 -0.04
CA LEU A 28 4.54 17.25 -0.31
C LEU A 28 3.66 16.91 0.89
N GLU A 29 3.31 17.92 1.68
CA GLU A 29 2.55 17.71 2.92
C GLU A 29 1.06 17.85 2.64
N TRP A 30 0.26 16.97 3.23
CA TRP A 30 -1.17 16.92 2.94
C TRP A 30 -2.05 16.79 4.16
N HIS A 31 -3.18 17.46 4.14
CA HIS A 31 -4.31 17.05 4.94
C HIS A 31 -4.59 15.63 4.54
N ALA A 32 -5.01 14.81 5.49
CA ALA A 32 -5.26 13.41 5.15
C ALA A 32 -6.44 13.27 4.22
N ALA A 33 -7.39 14.18 4.35
CA ALA A 33 -8.61 14.20 3.51
C ALA A 33 -8.39 14.75 2.12
N CYS A 34 -7.28 15.45 1.89
CA CYS A 34 -7.07 16.06 0.59
C CYS A 34 -6.15 15.22 -0.29
N LEU A 35 -5.67 14.09 0.23
CA LEU A 35 -4.81 13.22 -0.55
C LEU A 35 -5.65 12.15 -1.29
N LYS A 36 -6.23 12.54 -2.41
CA LYS A 36 -7.16 11.71 -3.16
C LYS A 36 -6.61 11.24 -4.50
N CYS A 37 -7.05 10.06 -4.92
CA CYS A 37 -6.78 9.63 -6.27
C CYS A 37 -7.44 10.60 -7.24
N ALA A 38 -6.66 11.07 -8.21
CA ALA A 38 -7.15 12.05 -9.16
C ALA A 38 -8.23 11.49 -10.08
N GLU A 39 -8.46 10.19 -10.04
CA GLU A 39 -9.47 9.59 -10.89
C GLU A 39 -10.59 8.91 -10.08
N CYS A 40 -10.23 8.07 -9.12
CA CYS A 40 -11.24 7.34 -8.34
C CYS A 40 -11.57 8.02 -7.03
N ASN A 41 -10.90 9.14 -6.73
CA ASN A 41 -11.24 10.01 -5.61
C ASN A 41 -10.92 9.46 -4.24
N GLN A 42 -10.24 8.33 -4.19
CA GLN A 42 -10.09 7.57 -2.94
C GLN A 42 -8.89 8.09 -2.20
N TYR A 43 -8.98 8.08 -0.87
CA TYR A 43 -7.87 8.50 -0.02
C TYR A 43 -6.70 7.57 -0.26
N LEU A 44 -5.52 8.15 -0.42
CA LEU A 44 -4.34 7.36 -0.72
C LEU A 44 -3.60 7.03 0.57
N ASP A 45 -4.12 7.53 1.71
CA ASP A 45 -3.68 7.11 3.05
C ASP A 45 -3.78 5.59 3.27
N GLU A 46 -4.64 4.90 2.54
CA GLU A 46 -4.80 3.44 2.73
C GLU A 46 -3.55 2.62 2.40
N SER A 47 -2.56 3.25 1.77
CA SER A 47 -1.47 2.54 1.12
C SER A 47 -0.12 3.22 1.36
N CYS A 48 0.95 2.44 1.27
CA CYS A 48 2.29 2.98 1.51
C CYS A 48 2.76 3.88 0.40
N THR A 49 2.14 3.72 -0.74
CA THR A 49 2.68 4.33 -1.91
C THR A 49 1.57 4.96 -2.71
N CYS A 50 1.96 5.92 -3.53
CA CYS A 50 1.07 6.44 -4.54
C CYS A 50 1.88 7.02 -5.68
N PHE A 51 1.20 7.31 -6.78
CA PHE A 51 1.85 7.67 -8.01
C PHE A 51 1.55 9.10 -8.37
N VAL A 52 2.53 9.74 -8.99
CA VAL A 52 2.44 11.18 -9.21
C VAL A 52 3.02 11.55 -10.57
N ARG A 53 2.13 11.83 -11.53
CA ARG A 53 2.50 12.34 -12.86
C ARG A 53 1.71 13.62 -13.16
N ASP A 54 2.31 14.51 -13.95
CA ASP A 54 1.67 15.75 -14.41
C ASP A 54 0.99 16.56 -13.29
N GLY A 55 1.55 16.54 -12.09
CA GLY A 55 1.00 17.30 -10.96
C GLY A 55 -0.26 16.70 -10.34
N LYS A 56 -0.76 15.60 -10.90
CA LYS A 56 -1.90 14.91 -10.33
C LYS A 56 -1.39 13.74 -9.47
N THR A 57 -2.14 13.35 -8.45
CA THR A 57 -1.76 12.16 -7.66
C THR A 57 -2.74 11.02 -7.87
N TYR A 58 -2.21 9.82 -8.14
CA TYR A 58 -3.03 8.67 -8.49
C TYR A 58 -2.82 7.47 -7.59
N CYS A 59 -3.81 6.59 -7.50
CA CYS A 59 -3.59 5.28 -6.91
C CYS A 59 -3.09 4.34 -8.02
N LYS A 60 -2.43 3.24 -7.64
CA LYS A 60 -1.90 2.25 -8.60
C LYS A 60 -2.90 1.89 -9.71
N ARG A 61 -4.03 1.28 -9.35
CA ARG A 61 -5.02 0.84 -10.33
C ARG A 61 -5.14 1.86 -11.46
N ASP A 62 -5.49 3.07 -11.07
CA ASP A 62 -5.70 4.14 -12.01
C ASP A 62 -4.39 4.53 -12.67
N TYR A 63 -3.31 4.61 -11.90
CA TYR A 63 -2.01 4.88 -12.51
C TYR A 63 -1.73 3.89 -13.63
N ILE A 64 -1.62 2.61 -13.28
CA ILE A 64 -1.28 1.58 -14.25
C ILE A 64 -2.25 1.63 -15.43
N ARG A 65 -3.55 1.66 -15.13
CA ARG A 65 -4.57 1.78 -16.15
C ARG A 65 -4.41 3.01 -17.08
N LEU A 66 -3.70 4.05 -16.64
CA LEU A 66 -3.53 5.26 -17.44
C LEU A 66 -2.12 5.46 -17.96
N TYR A 67 -1.12 5.27 -17.13
CA TYR A 67 0.28 5.47 -17.53
C TYR A 67 1.13 4.21 -17.51
N GLY A 68 0.72 3.17 -16.78
CA GLY A 68 1.59 2.02 -16.58
C GLY A 68 1.79 1.22 -17.84
N ILE A 69 2.82 0.38 -17.86
CA ILE A 69 2.93 -0.66 -18.89
C ILE A 69 1.71 -1.58 -18.74
N LYS A 70 0.98 -1.78 -19.83
CA LYS A 70 -0.20 -2.65 -19.85
C LYS A 70 -0.26 -3.40 -21.19
N CYS A 71 -1.09 -4.44 -21.28
CA CYS A 71 -1.07 -5.33 -22.45
C CYS A 71 -1.81 -4.82 -23.69
N ALA A 72 -1.19 -5.01 -24.86
CA ALA A 72 -1.66 -4.44 -26.13
C ALA A 72 -2.97 -5.05 -26.62
N LYS A 73 -3.26 -6.29 -26.22
CA LYS A 73 -4.57 -6.87 -26.46
C LYS A 73 -5.54 -6.40 -25.38
N CYS A 74 -5.55 -7.08 -24.23
CA CYS A 74 -6.64 -6.95 -23.26
C CYS A 74 -6.65 -5.63 -22.47
N SER A 75 -5.61 -4.82 -22.64
CA SER A 75 -5.54 -3.52 -21.99
C SER A 75 -5.62 -3.65 -20.47
N ILE A 76 -4.79 -4.54 -19.91
CA ILE A 76 -4.73 -4.74 -18.46
C ILE A 76 -3.26 -4.86 -18.01
N GLY A 77 -2.92 -4.17 -16.93
CA GLY A 77 -1.55 -4.11 -16.42
C GLY A 77 -0.96 -5.46 -16.05
N PHE A 78 0.34 -5.44 -15.71
CA PHE A 78 1.06 -6.69 -15.42
C PHE A 78 1.44 -6.84 -13.96
N SER A 79 1.55 -8.09 -13.53
CA SER A 79 2.03 -8.41 -12.20
C SER A 79 3.55 -8.40 -12.29
N LYS A 80 4.21 -8.09 -11.18
CA LYS A 80 5.66 -7.94 -11.14
C LYS A 80 6.39 -9.20 -11.62
N ASN A 81 5.79 -10.36 -11.35
CA ASN A 81 6.36 -11.64 -11.79
C ASN A 81 5.66 -12.25 -13.02
N ASP A 82 4.96 -11.43 -13.81
CA ASP A 82 4.32 -11.92 -15.04
C ASP A 82 5.34 -11.99 -16.19
N PHE A 83 5.06 -12.86 -17.15
CA PHE A 83 5.95 -13.10 -18.28
C PHE A 83 5.26 -12.65 -19.57
N VAL A 84 5.88 -11.72 -20.29
CA VAL A 84 5.21 -11.06 -21.42
C VAL A 84 5.90 -11.27 -22.78
N MET A 85 5.09 -11.45 -23.85
CA MET A 85 5.60 -11.56 -25.25
C MET A 85 5.61 -10.17 -25.90
N ARG A 86 6.63 -9.87 -26.70
CA ARG A 86 6.81 -8.51 -27.23
C ARG A 86 6.49 -8.39 -28.70
N ALA A 87 6.11 -7.19 -29.13
CA ALA A 87 5.99 -6.89 -30.53
C ALA A 87 6.45 -5.46 -30.76
N ARG A 88 7.74 -5.32 -31.08
CA ARG A 88 8.38 -4.07 -31.53
C ARG A 88 8.28 -2.95 -30.51
N SER A 89 7.06 -2.57 -30.16
CA SER A 89 6.79 -1.65 -29.05
C SER A 89 5.81 -2.25 -28.02
N LYS A 90 5.06 -3.29 -28.38
CA LYS A 90 3.88 -3.74 -27.60
C LYS A 90 4.09 -5.04 -26.79
N VAL A 91 3.99 -4.95 -25.47
CA VAL A 91 4.08 -6.13 -24.61
C VAL A 91 2.73 -6.88 -24.60
N TYR A 92 2.75 -8.18 -24.31
CA TYR A 92 1.56 -9.00 -24.35
C TYR A 92 1.60 -10.11 -23.30
N HIS A 93 0.48 -10.29 -22.57
CA HIS A 93 0.21 -11.48 -21.75
C HIS A 93 0.48 -12.74 -22.53
N ILE A 94 1.27 -13.66 -21.97
CA ILE A 94 1.52 -14.95 -22.62
C ILE A 94 0.20 -15.57 -23.07
N GLU A 95 -0.85 -15.42 -22.27
CA GLU A 95 -2.18 -15.93 -22.62
C GLU A 95 -2.84 -15.19 -23.79
N CYS A 96 -2.50 -13.91 -23.99
CA CYS A 96 -3.17 -13.06 -25.00
C CYS A 96 -2.41 -12.91 -26.32
N PHE A 97 -1.29 -13.63 -26.47
CA PHE A 97 -0.48 -13.50 -27.68
C PHE A 97 -1.06 -14.38 -28.79
N ARG A 98 -2.24 -13.99 -29.26
CA ARG A 98 -3.00 -14.78 -30.23
C ARG A 98 -3.08 -14.01 -31.54
N CYS A 99 -3.16 -14.73 -32.64
CA CYS A 99 -3.47 -14.08 -33.90
C CYS A 99 -4.96 -13.71 -33.89
N VAL A 100 -5.25 -12.44 -34.15
CA VAL A 100 -6.62 -11.94 -34.02
C VAL A 100 -7.56 -12.55 -35.06
N ALA A 101 -7.00 -12.96 -36.19
CA ALA A 101 -7.76 -13.57 -37.28
C ALA A 101 -8.09 -15.04 -37.04
N CYS A 102 -7.06 -15.89 -36.94
CA CYS A 102 -7.28 -17.32 -36.70
C CYS A 102 -7.41 -17.64 -35.23
N SER A 103 -7.17 -16.63 -34.39
CA SER A 103 -7.52 -16.71 -32.97
C SER A 103 -6.90 -17.95 -32.40
N ARG A 104 -5.58 -18.00 -32.55
CA ARG A 104 -4.80 -19.11 -32.05
C ARG A 104 -3.42 -18.58 -31.66
N GLN A 105 -2.70 -19.35 -30.86
CA GLN A 105 -1.51 -18.86 -30.19
C GLN A 105 -0.31 -18.69 -31.11
N LEU A 106 0.59 -17.79 -30.74
CA LEU A 106 1.84 -17.62 -31.45
C LEU A 106 3.04 -18.03 -30.56
N ILE A 107 3.97 -18.76 -31.18
CA ILE A 107 5.09 -19.35 -30.47
C ILE A 107 6.44 -18.85 -30.99
N PRO A 108 7.46 -18.84 -30.11
CA PRO A 108 8.82 -18.48 -30.47
C PRO A 108 9.23 -19.21 -31.73
N GLY A 109 9.48 -18.45 -32.80
CA GLY A 109 9.88 -19.02 -34.08
C GLY A 109 8.80 -18.97 -35.14
N ASP A 110 7.70 -18.28 -34.86
CA ASP A 110 6.61 -18.10 -35.83
C ASP A 110 6.84 -16.81 -36.59
N GLU A 111 6.76 -16.88 -37.92
CA GLU A 111 6.61 -15.67 -38.72
C GLU A 111 5.31 -14.99 -38.25
N PHE A 112 5.36 -13.69 -38.00
CA PHE A 112 4.15 -12.94 -37.62
C PHE A 112 4.27 -11.45 -37.95
N ALA A 113 3.22 -10.70 -37.67
CA ALA A 113 3.21 -9.28 -37.99
C ALA A 113 2.19 -8.49 -37.15
N LEU A 114 2.64 -7.34 -36.66
CA LEU A 114 1.80 -6.38 -35.93
C LEU A 114 1.13 -5.42 -36.92
N ARG A 115 -0.18 -5.57 -37.13
CA ARG A 115 -0.95 -4.62 -37.94
C ARG A 115 -1.81 -3.75 -37.02
N GLU A 116 -2.32 -2.64 -37.52
CA GLU A 116 -3.20 -1.79 -36.71
C GLU A 116 -4.31 -2.62 -36.07
N ASP A 117 -4.90 -3.50 -36.86
CA ASP A 117 -5.96 -4.40 -36.38
C ASP A 117 -5.45 -5.25 -35.22
N GLY A 118 -4.20 -5.72 -35.31
CA GLY A 118 -3.56 -6.53 -34.25
C GLY A 118 -2.43 -7.45 -34.71
N LEU A 119 -2.29 -8.56 -34.01
CA LEU A 119 -1.32 -9.58 -34.38
C LEU A 119 -1.91 -10.51 -35.43
N PHE A 120 -1.09 -10.88 -36.40
CA PHE A 120 -1.50 -11.80 -37.44
C PHE A 120 -0.41 -12.81 -37.69
N CYS A 121 -0.80 -14.06 -37.92
CA CYS A 121 0.16 -15.10 -38.27
C CYS A 121 0.53 -14.96 -39.75
N ARG A 122 1.67 -15.51 -40.16
CA ARG A 122 2.16 -15.34 -41.54
C ARG A 122 1.24 -15.94 -42.59
N ALA A 123 0.16 -16.61 -42.17
CA ALA A 123 -0.86 -17.09 -43.09
C ALA A 123 -1.97 -16.06 -43.27
N ASP A 124 -2.47 -15.51 -42.18
CA ASP A 124 -3.54 -14.52 -42.26
C ASP A 124 -3.04 -13.13 -42.72
N HIS A 125 -1.74 -12.86 -42.54
CA HIS A 125 -1.12 -11.65 -43.08
C HIS A 125 -1.21 -11.63 -44.61
N ASP A 126 -1.06 -12.80 -45.22
CA ASP A 126 -1.02 -12.97 -46.67
C ASP A 126 -2.43 -13.22 -47.24
N ASP A 143 5.53 -5.18 -41.63
CA ASP A 143 6.51 -6.15 -42.11
C ASP A 143 6.50 -7.44 -41.26
N VAL A 144 6.88 -8.53 -41.91
CA VAL A 144 6.96 -9.84 -41.28
C VAL A 144 8.10 -9.90 -40.26
N MET A 145 7.88 -10.62 -39.16
CA MET A 145 8.88 -10.80 -38.09
C MET A 145 8.99 -12.27 -37.65
N VAL A 146 9.95 -12.56 -36.77
CA VAL A 146 10.07 -13.87 -36.10
C VAL A 146 9.72 -13.76 -34.60
N VAL A 147 8.56 -14.31 -34.19
CA VAL A 147 8.13 -14.30 -32.77
C VAL A 147 9.29 -14.75 -31.86
N GLY A 148 9.46 -14.05 -30.73
CA GLY A 148 10.58 -14.29 -29.82
C GLY A 148 10.20 -14.96 -28.50
N GLU A 149 11.21 -15.20 -27.67
CA GLU A 149 11.03 -15.98 -26.44
C GLU A 149 10.30 -15.14 -25.37
N PRO A 150 9.38 -15.76 -24.59
CA PRO A 150 8.66 -15.01 -23.55
C PRO A 150 9.60 -14.56 -22.44
N THR A 151 9.36 -13.39 -21.85
CA THR A 151 10.27 -12.83 -20.82
C THR A 151 9.55 -12.24 -19.60
N LEU A 152 10.21 -12.31 -18.43
CA LEU A 152 9.69 -11.68 -17.22
C LEU A 152 9.96 -10.18 -17.29
N MET A 153 9.20 -9.41 -16.51
CA MET A 153 9.38 -7.96 -16.37
C MET A 153 10.09 -7.25 -17.52
N ASP A 159 7.99 2.67 -11.08
CA ASP A 159 8.94 3.00 -10.01
C ASP A 159 9.60 4.37 -10.20
N GLU A 160 9.42 4.97 -11.39
CA GLU A 160 9.99 6.30 -11.67
C GLU A 160 9.10 7.38 -11.07
N ASP A 161 7.78 7.20 -11.20
CA ASP A 161 6.79 8.19 -10.72
C ASP A 161 6.18 7.80 -9.37
N GLU A 162 6.57 6.64 -8.85
CA GLU A 162 6.01 6.11 -7.61
C GLU A 162 6.62 6.85 -6.44
N ARG A 163 5.83 7.05 -5.39
CA ARG A 163 6.31 7.83 -4.23
C ARG A 163 5.72 7.34 -2.89
N LEU A 164 6.52 7.49 -1.83
CA LEU A 164 6.25 6.85 -0.54
C LEU A 164 5.37 7.71 0.33
N ILE A 165 4.33 7.13 0.94
CA ILE A 165 3.48 7.90 1.84
C ILE A 165 3.85 7.67 3.29
N THR A 166 4.13 8.75 4.00
CA THR A 166 4.56 8.70 5.40
C THR A 166 3.66 9.60 6.25
N ARG A 167 3.31 9.10 7.44
CA ARG A 167 2.41 9.83 8.31
C ARG A 167 3.23 10.50 9.42
N LEU A 168 3.60 11.75 9.21
CA LEU A 168 4.42 12.45 10.19
C LEU A 168 3.50 13.04 11.27
N GLU A 169 3.93 12.98 12.53
CA GLU A 169 3.22 13.62 13.64
C GLU A 169 3.36 15.13 13.50
N ASN A 170 2.31 15.87 13.87
CA ASN A 170 2.30 17.33 13.68
C ASN A 170 3.11 18.06 14.74
N LEU B 5 -40.22 17.19 -8.48
CA LEU B 5 -40.15 17.41 -9.97
C LEU B 5 -38.71 17.73 -10.41
N ILE B 6 -37.94 18.33 -9.49
CA ILE B 6 -36.50 18.56 -9.69
C ILE B 6 -35.73 17.53 -8.88
N SER B 7 -34.46 17.32 -9.24
CA SER B 7 -33.60 16.41 -8.48
C SER B 7 -32.58 17.18 -7.66
N LEU B 8 -32.74 17.15 -6.34
CA LEU B 8 -31.73 17.68 -5.42
C LEU B 8 -30.86 16.55 -4.86
N CYS B 9 -29.55 16.75 -4.91
CA CYS B 9 -28.60 15.70 -4.60
C CYS B 9 -28.43 15.41 -3.11
N VAL B 10 -28.41 14.12 -2.78
CA VAL B 10 -28.39 13.69 -1.39
C VAL B 10 -27.11 14.09 -0.63
N GLY B 11 -25.99 14.20 -1.33
CA GLY B 11 -24.72 14.56 -0.69
C GLY B 11 -24.54 16.04 -0.33
N CYS B 12 -24.83 16.93 -1.28
CA CYS B 12 -24.60 18.36 -1.08
C CYS B 12 -25.91 19.14 -0.86
N GLY B 13 -26.98 18.70 -1.50
CA GLY B 13 -28.27 19.37 -1.36
C GLY B 13 -28.62 20.20 -2.57
N ASN B 14 -27.62 20.53 -3.39
CA ASN B 14 -27.89 21.39 -4.54
C ASN B 14 -28.54 20.62 -5.67
N GLN B 15 -29.25 21.38 -6.50
CA GLN B 15 -29.94 20.85 -7.65
C GLN B 15 -28.96 20.17 -8.63
N ILE B 16 -29.37 19.04 -9.20
CA ILE B 16 -28.50 18.34 -10.11
C ILE B 16 -28.78 18.87 -11.51
N HIS B 17 -27.88 19.74 -12.00
CA HIS B 17 -27.99 20.29 -13.36
C HIS B 17 -27.21 19.48 -14.40
N ASP B 18 -26.97 18.21 -14.13
CA ASP B 18 -26.05 17.45 -14.98
C ASP B 18 -26.82 16.66 -16.01
N GLN B 19 -26.13 16.22 -17.08
CA GLN B 19 -26.80 15.49 -18.16
C GLN B 19 -27.40 14.20 -17.61
N TYR B 20 -26.66 13.55 -16.72
CA TYR B 20 -27.09 12.30 -16.10
C TYR B 20 -27.16 12.43 -14.56
N ILE B 21 -28.09 11.69 -13.97
CA ILE B 21 -28.28 11.70 -12.54
C ILE B 21 -28.14 10.26 -12.05
N LEU B 22 -27.09 9.97 -11.29
CA LEU B 22 -26.95 8.67 -10.64
C LEU B 22 -28.03 8.47 -9.61
N ARG B 23 -28.69 7.30 -9.62
CA ARG B 23 -29.77 7.01 -8.66
C ARG B 23 -29.49 5.74 -7.90
N VAL B 24 -28.97 5.89 -6.68
CA VAL B 24 -28.89 4.74 -5.78
C VAL B 24 -30.29 4.42 -5.28
N SER B 25 -30.65 3.16 -5.41
CA SER B 25 -31.99 2.69 -5.12
C SER B 25 -32.30 2.74 -3.63
N PRO B 26 -33.58 2.97 -3.27
CA PRO B 26 -34.66 3.43 -4.14
C PRO B 26 -34.83 4.94 -3.96
N ASP B 27 -34.98 5.66 -5.08
CA ASP B 27 -35.16 7.11 -5.05
C ASP B 27 -34.18 7.85 -4.13
N LEU B 28 -32.89 7.73 -4.41
CA LEU B 28 -31.88 8.62 -3.82
C LEU B 28 -30.96 9.08 -4.95
N GLU B 29 -31.24 10.27 -5.49
CA GLU B 29 -30.52 10.77 -6.66
C GLU B 29 -29.28 11.55 -6.24
N TRP B 30 -28.19 11.40 -6.99
CA TRP B 30 -26.89 12.02 -6.68
C TRP B 30 -26.24 12.65 -7.86
N HIS B 31 -25.41 13.65 -7.59
CA HIS B 31 -24.41 14.07 -8.57
C HIS B 31 -23.43 12.92 -8.65
N ALA B 32 -22.93 12.60 -9.83
CA ALA B 32 -22.01 11.48 -9.93
C ALA B 32 -20.91 11.67 -8.91
N ALA B 33 -20.29 12.85 -8.93
CA ALA B 33 -19.14 13.14 -8.08
C ALA B 33 -19.51 13.22 -6.59
N CYS B 34 -20.77 13.48 -6.27
CA CYS B 34 -21.18 13.44 -4.86
C CYS B 34 -21.40 12.01 -4.32
N LEU B 35 -21.37 11.02 -5.22
CA LEU B 35 -21.55 9.61 -4.86
C LEU B 35 -20.17 8.96 -4.59
N LYS B 36 -19.91 8.71 -3.31
CA LYS B 36 -18.60 8.32 -2.84
C LYS B 36 -18.71 7.44 -1.60
N CYS B 37 -17.67 6.68 -1.31
CA CYS B 37 -17.70 5.83 -0.13
C CYS B 37 -17.41 6.71 1.08
N ALA B 38 -18.19 6.53 2.14
CA ALA B 38 -18.01 7.31 3.36
C ALA B 38 -16.72 6.96 4.07
N GLU B 39 -16.21 5.74 3.90
CA GLU B 39 -14.92 5.40 4.50
C GLU B 39 -13.76 5.83 3.60
N CYS B 40 -13.74 5.39 2.34
CA CYS B 40 -12.55 5.57 1.49
C CYS B 40 -12.64 6.72 0.48
N ASN B 41 -13.84 7.22 0.22
CA ASN B 41 -14.02 8.41 -0.64
C ASN B 41 -13.97 8.13 -2.15
N GLN B 42 -13.72 6.89 -2.50
CA GLN B 42 -13.72 6.53 -3.88
C GLN B 42 -15.13 6.70 -4.34
N TYR B 43 -15.27 7.20 -5.57
CA TYR B 43 -16.56 7.28 -6.23
C TYR B 43 -17.16 5.89 -6.24
N LEU B 44 -18.48 5.80 -6.23
CA LEU B 44 -19.12 4.49 -6.28
C LEU B 44 -19.67 4.18 -7.66
N ASP B 45 -19.74 5.19 -8.54
CA ASP B 45 -20.16 4.98 -9.94
C ASP B 45 -19.33 3.92 -10.73
N GLU B 46 -18.17 3.53 -10.21
CA GLU B 46 -17.38 2.43 -10.80
C GLU B 46 -18.19 1.14 -10.87
N SER B 47 -18.84 0.80 -9.77
CA SER B 47 -19.55 -0.47 -9.64
C SER B 47 -21.01 -0.31 -9.96
N CYS B 48 -21.67 -1.45 -10.09
CA CYS B 48 -23.11 -1.52 -10.28
C CYS B 48 -23.84 -1.63 -8.97
N THR B 49 -23.13 -1.57 -7.86
CA THR B 49 -23.81 -1.69 -6.59
C THR B 49 -23.15 -0.87 -5.50
N CYS B 50 -23.90 -0.61 -4.45
CA CYS B 50 -23.31 -0.11 -3.22
C CYS B 50 -24.17 -0.42 -2.00
N PHE B 51 -23.63 -0.11 -0.82
CA PHE B 51 -24.28 -0.38 0.45
C PHE B 51 -24.51 0.91 1.22
N VAL B 52 -25.69 1.04 1.82
CA VAL B 52 -26.04 2.20 2.64
C VAL B 52 -26.52 1.75 4.04
N ARG B 53 -25.78 2.16 5.07
CA ARG B 53 -26.19 1.93 6.45
C ARG B 53 -26.10 3.24 7.23
N ASP B 54 -26.98 3.39 8.23
CA ASP B 54 -27.05 4.62 9.03
C ASP B 54 -26.86 5.89 8.19
N GLY B 55 -27.44 5.91 6.99
CA GLY B 55 -27.49 7.12 6.17
C GLY B 55 -26.26 7.47 5.36
N LYS B 56 -25.14 6.82 5.62
CA LYS B 56 -23.91 7.07 4.86
C LYS B 56 -23.75 5.95 3.80
N THR B 57 -23.19 6.29 2.64
CA THR B 57 -23.03 5.31 1.56
C THR B 57 -21.64 4.69 1.50
N TYR B 58 -21.59 3.36 1.60
CA TYR B 58 -20.35 2.59 1.61
C TYR B 58 -20.14 1.73 0.36
N CYS B 59 -18.88 1.34 0.16
CA CYS B 59 -18.50 0.44 -0.90
C CYS B 59 -18.24 -0.96 -0.30
N LYS B 60 -18.46 -2.03 -1.08
CA LYS B 60 -18.36 -3.41 -0.57
C LYS B 60 -17.28 -3.55 0.50
N ARG B 61 -16.01 -3.54 0.11
CA ARG B 61 -14.93 -3.69 1.10
C ARG B 61 -15.31 -2.97 2.38
N ASP B 62 -15.44 -1.66 2.29
CA ASP B 62 -15.61 -0.84 3.47
C ASP B 62 -16.83 -1.25 4.26
N TYR B 63 -17.91 -1.62 3.55
CA TYR B 63 -19.15 -2.06 4.21
C TYR B 63 -18.89 -3.34 4.97
N ILE B 64 -18.29 -4.32 4.29
CA ILE B 64 -17.89 -5.55 4.96
C ILE B 64 -17.05 -5.21 6.18
N ARG B 65 -15.94 -4.50 5.96
CA ARG B 65 -15.05 -4.13 7.04
C ARG B 65 -15.87 -3.56 8.18
N LEU B 66 -16.79 -2.65 7.88
CA LEU B 66 -17.50 -1.93 8.93
C LEU B 66 -18.67 -2.69 9.54
N TYR B 67 -19.46 -3.32 8.68
CA TYR B 67 -20.72 -3.95 9.10
C TYR B 67 -20.80 -5.43 8.74
N GLY B 68 -19.81 -5.97 8.06
CA GLY B 68 -19.83 -7.38 7.69
C GLY B 68 -19.59 -8.28 8.87
N ILE B 69 -20.21 -9.47 8.86
CA ILE B 69 -19.95 -10.48 9.89
C ILE B 69 -18.54 -11.00 9.64
N LYS B 70 -17.82 -11.36 10.70
CA LYS B 70 -16.40 -11.66 10.61
C LYS B 70 -15.98 -12.92 11.38
N CYS B 71 -15.13 -13.72 10.77
CA CYS B 71 -14.75 -15.04 11.31
C CYS B 71 -14.00 -14.93 12.62
N ALA B 72 -14.53 -15.54 13.67
CA ALA B 72 -13.99 -15.36 15.03
C ALA B 72 -12.53 -15.84 15.20
N LYS B 73 -12.01 -16.61 14.24
CA LYS B 73 -10.60 -16.98 14.23
C LYS B 73 -9.75 -15.84 13.62
N CYS B 74 -9.96 -15.51 12.36
CA CYS B 74 -9.14 -14.48 11.69
C CYS B 74 -9.68 -13.06 11.89
N SER B 75 -10.94 -12.97 12.36
CA SER B 75 -11.62 -11.70 12.59
C SER B 75 -11.60 -10.86 11.33
N ILE B 76 -12.11 -11.43 10.24
CA ILE B 76 -12.26 -10.72 8.96
C ILE B 76 -13.54 -11.21 8.30
N GLY B 77 -14.15 -10.34 7.51
CA GLY B 77 -15.39 -10.66 6.83
C GLY B 77 -15.17 -11.66 5.71
N PHE B 78 -16.28 -12.14 5.16
CA PHE B 78 -16.25 -13.13 4.09
C PHE B 78 -17.22 -12.81 2.97
N SER B 79 -16.96 -13.43 1.82
CA SER B 79 -17.77 -13.29 0.63
C SER B 79 -19.18 -13.84 0.83
N LYS B 80 -20.10 -13.49 -0.07
CA LYS B 80 -21.39 -14.16 -0.13
C LYS B 80 -21.11 -15.57 -0.60
N ASN B 81 -20.39 -15.66 -1.72
CA ASN B 81 -19.97 -16.93 -2.30
C ASN B 81 -19.44 -17.96 -1.29
N ASP B 82 -18.43 -17.60 -0.48
CA ASP B 82 -17.76 -18.60 0.37
C ASP B 82 -18.66 -19.24 1.46
N PHE B 83 -18.31 -20.46 1.87
CA PHE B 83 -19.08 -21.27 2.83
C PHE B 83 -18.55 -21.14 4.26
N VAL B 84 -19.44 -21.14 5.24
CA VAL B 84 -19.07 -20.90 6.63
C VAL B 84 -19.46 -22.03 7.61
N MET B 85 -18.92 -21.94 8.83
CA MET B 85 -19.14 -22.95 9.86
C MET B 85 -19.62 -22.27 11.15
N ARG B 86 -20.83 -22.62 11.59
CA ARG B 86 -21.48 -21.86 12.66
C ARG B 86 -21.21 -22.49 14.03
N ALA B 87 -20.96 -21.64 15.02
CA ALA B 87 -20.93 -22.08 16.40
C ALA B 87 -21.61 -21.04 17.31
N ARG B 88 -22.58 -21.51 18.11
CA ARG B 88 -23.42 -20.66 18.99
C ARG B 88 -23.38 -19.16 18.68
N SER B 89 -23.67 -18.80 17.43
CA SER B 89 -23.82 -17.38 17.07
C SER B 89 -22.56 -16.72 16.51
N LYS B 90 -21.42 -17.40 16.53
CA LYS B 90 -20.20 -16.90 15.84
C LYS B 90 -19.92 -17.71 14.55
N VAL B 91 -19.59 -17.04 13.47
CA VAL B 91 -19.27 -17.74 12.23
C VAL B 91 -17.76 -17.93 12.10
N TYR B 92 -17.37 -18.93 11.32
CA TYR B 92 -15.97 -19.29 11.14
C TYR B 92 -15.76 -19.71 9.70
N HIS B 93 -14.68 -19.25 9.08
CA HIS B 93 -14.24 -19.81 7.80
C HIS B 93 -14.09 -21.32 7.92
N ILE B 94 -14.40 -22.06 6.87
CA ILE B 94 -14.14 -23.49 6.85
C ILE B 94 -12.74 -23.74 7.44
N GLU B 95 -11.76 -23.08 6.83
CA GLU B 95 -10.35 -23.22 7.20
C GLU B 95 -10.01 -22.81 8.64
N CYS B 96 -10.66 -21.77 9.15
CA CYS B 96 -10.37 -21.30 10.51
C CYS B 96 -11.29 -21.92 11.55
N PHE B 97 -11.90 -23.04 11.22
CA PHE B 97 -12.66 -23.81 12.19
C PHE B 97 -11.76 -24.88 12.75
N ARG B 98 -10.84 -24.45 13.60
CA ARG B 98 -9.83 -25.33 14.15
C ARG B 98 -9.89 -25.38 15.66
N CYS B 99 -9.75 -26.58 16.22
CA CYS B 99 -9.59 -26.65 17.65
C CYS B 99 -8.26 -25.94 17.92
N VAL B 100 -8.31 -24.93 18.78
CA VAL B 100 -7.18 -24.02 19.00
C VAL B 100 -6.03 -24.71 19.71
N ALA B 101 -6.37 -25.68 20.56
CA ALA B 101 -5.37 -26.43 21.30
C ALA B 101 -4.58 -27.31 20.35
N CYS B 102 -5.26 -28.25 19.71
CA CYS B 102 -4.57 -29.23 18.87
C CYS B 102 -4.29 -28.71 17.45
N SER B 103 -4.80 -27.52 17.14
CA SER B 103 -4.52 -26.86 15.87
C SER B 103 -5.15 -27.54 14.66
N ARG B 104 -5.95 -28.59 14.89
CA ARG B 104 -6.49 -29.43 13.81
C ARG B 104 -7.99 -29.22 13.55
N GLN B 105 -8.38 -29.42 12.30
CA GLN B 105 -9.72 -29.03 11.84
C GLN B 105 -10.87 -29.77 12.51
N LEU B 106 -12.00 -29.07 12.63
CA LEU B 106 -13.23 -29.65 13.14
C LEU B 106 -14.07 -30.10 11.95
N ILE B 107 -14.69 -31.26 12.10
CA ILE B 107 -15.43 -31.91 11.03
C ILE B 107 -16.92 -31.90 11.39
N PRO B 108 -17.80 -31.90 10.37
CA PRO B 108 -19.21 -32.05 10.67
C PRO B 108 -19.44 -33.36 11.37
N GLY B 109 -19.92 -33.31 12.59
CA GLY B 109 -20.22 -34.51 13.36
C GLY B 109 -19.29 -34.72 14.53
N ASP B 110 -18.19 -33.98 14.58
CA ASP B 110 -17.33 -33.93 15.78
C ASP B 110 -18.09 -33.32 16.94
N GLU B 111 -17.86 -33.82 18.17
CA GLU B 111 -18.32 -33.10 19.36
C GLU B 111 -17.36 -31.94 19.61
N PHE B 112 -17.83 -30.84 20.18
CA PHE B 112 -16.90 -29.71 20.48
C PHE B 112 -17.47 -28.66 21.42
N ALA B 113 -16.62 -27.71 21.84
CA ALA B 113 -17.05 -26.61 22.72
C ALA B 113 -16.48 -25.24 22.29
N LEU B 114 -17.18 -24.16 22.66
CA LEU B 114 -16.66 -22.78 22.54
C LEU B 114 -16.40 -22.21 23.93
N ARG B 115 -15.24 -21.59 24.14
CA ARG B 115 -14.86 -21.02 25.43
C ARG B 115 -14.16 -19.67 25.25
N GLU B 116 -13.72 -19.08 26.37
CA GLU B 116 -12.80 -17.94 26.37
C GLU B 116 -11.80 -18.03 25.21
N ASP B 117 -10.99 -19.09 25.20
CA ASP B 117 -10.05 -19.34 24.11
C ASP B 117 -10.78 -19.64 22.79
N GLY B 118 -11.88 -20.39 22.84
CA GLY B 118 -12.71 -20.64 21.64
C GLY B 118 -12.92 -22.11 21.29
N LEU B 119 -12.97 -22.42 19.99
CA LEU B 119 -13.16 -23.79 19.52
C LEU B 119 -12.21 -24.75 20.24
N PHE B 120 -12.79 -25.80 20.82
CA PHE B 120 -12.04 -26.82 21.53
C PHE B 120 -12.65 -28.15 21.19
N CYS B 121 -11.83 -29.15 20.85
CA CYS B 121 -12.35 -30.50 20.60
C CYS B 121 -12.60 -31.21 21.93
N ARG B 122 -13.60 -32.11 21.95
CA ARG B 122 -14.02 -32.80 23.18
C ARG B 122 -12.83 -33.20 24.05
N ALA B 123 -11.81 -33.75 23.41
CA ALA B 123 -10.59 -34.15 24.13
C ALA B 123 -9.97 -32.96 24.84
N ASP B 124 -9.91 -31.83 24.14
CA ASP B 124 -9.34 -30.61 24.69
C ASP B 124 -10.24 -29.94 25.73
N HIS B 125 -11.56 -30.02 25.54
CA HIS B 125 -12.55 -29.57 26.54
C HIS B 125 -12.32 -30.30 27.87
N ASP B 126 -12.24 -31.63 27.81
CA ASP B 126 -12.10 -32.47 29.00
C ASP B 126 -10.86 -32.14 29.85
N VAL B 127 -9.85 -31.56 29.23
CA VAL B 127 -8.68 -31.01 29.94
C VAL B 127 -9.09 -30.02 31.04
N VAL B 128 -10.18 -29.27 30.83
CA VAL B 128 -10.79 -28.37 31.85
C VAL B 128 -9.76 -27.71 32.78
N VAL B 144 -20.93 -28.76 25.14
CA VAL B 144 -20.62 -29.85 24.23
C VAL B 144 -21.68 -29.96 23.14
N MET B 145 -21.32 -29.55 21.92
CA MET B 145 -22.23 -29.53 20.78
C MET B 145 -21.61 -30.31 19.62
N VAL B 146 -22.45 -30.72 18.66
CA VAL B 146 -21.98 -31.47 17.50
C VAL B 146 -21.79 -30.54 16.32
N VAL B 147 -20.64 -30.61 15.66
CA VAL B 147 -20.32 -29.73 14.55
C VAL B 147 -21.34 -29.87 13.42
N GLY B 148 -21.84 -28.74 12.91
CA GLY B 148 -22.78 -28.76 11.80
C GLY B 148 -22.12 -29.00 10.48
N GLU B 149 -22.93 -29.15 9.44
CA GLU B 149 -22.40 -29.16 8.07
C GLU B 149 -22.25 -27.69 7.66
N PRO B 150 -21.40 -27.42 6.67
CA PRO B 150 -21.12 -26.05 6.26
C PRO B 150 -22.27 -25.39 5.48
N THR B 151 -22.54 -24.12 5.79
CA THR B 151 -23.58 -23.35 5.11
C THR B 151 -22.96 -22.46 4.02
N LEU B 152 -23.77 -21.63 3.37
CA LEU B 152 -23.24 -20.54 2.55
C LEU B 152 -23.73 -19.21 3.14
N MET B 153 -22.92 -18.16 3.01
CA MET B 153 -23.20 -16.87 3.65
C MET B 153 -23.86 -15.90 2.66
N GLY B 158 -26.78 -9.24 5.31
CA GLY B 158 -26.94 -7.86 4.88
C GLY B 158 -27.75 -7.72 3.61
N ASP B 159 -28.75 -8.59 3.47
CA ASP B 159 -29.53 -8.70 2.24
C ASP B 159 -30.62 -7.64 2.07
N GLU B 160 -30.50 -6.53 2.81
CA GLU B 160 -31.32 -5.33 2.57
C GLU B 160 -30.46 -4.05 2.39
N ASP B 161 -29.24 -4.08 2.91
CA ASP B 161 -28.37 -2.91 2.87
C ASP B 161 -27.79 -2.64 1.48
N GLU B 162 -27.63 -3.67 0.66
CA GLU B 162 -27.07 -3.48 -0.69
C GLU B 162 -28.06 -2.75 -1.57
N ARG B 163 -27.53 -1.92 -2.48
CA ARG B 163 -28.36 -1.09 -3.35
C ARG B 163 -27.77 -0.99 -4.75
N LEU B 164 -28.64 -0.73 -5.71
CA LEU B 164 -28.30 -0.80 -7.13
C LEU B 164 -28.13 0.58 -7.74
N ILE B 165 -26.91 0.88 -8.20
CA ILE B 165 -26.64 2.18 -8.82
C ILE B 165 -27.22 2.26 -10.24
N THR B 166 -27.73 3.42 -10.63
CA THR B 166 -28.38 3.55 -11.94
C THR B 166 -28.19 4.95 -12.49
N ARG B 167 -27.67 5.03 -13.72
CA ARG B 167 -27.32 6.28 -14.38
C ARG B 167 -28.50 6.81 -15.23
N LEU B 168 -29.25 7.77 -14.70
CA LEU B 168 -30.51 8.22 -15.30
C LEU B 168 -30.38 9.61 -15.93
N GLU B 169 -30.86 9.74 -17.17
CA GLU B 169 -30.83 11.01 -17.88
C GLU B 169 -31.73 12.02 -17.17
N ASN B 170 -31.30 13.29 -17.20
CA ASN B 170 -32.01 14.37 -16.53
C ASN B 170 -33.00 15.02 -17.49
N THR B 171 -34.12 15.53 -16.96
CA THR B 171 -35.12 16.27 -17.77
C THR B 171 -35.03 17.78 -17.53
N LEU C 5 11.60 -20.94 -12.15
CA LEU C 5 10.24 -20.32 -12.20
C LEU C 5 9.64 -20.23 -10.79
N ILE C 6 10.32 -20.86 -9.84
CA ILE C 6 9.84 -20.94 -8.46
C ILE C 6 10.31 -19.73 -7.65
N SER C 7 9.69 -19.55 -6.48
CA SER C 7 10.03 -18.46 -5.57
C SER C 7 10.76 -18.98 -4.32
N LEU C 8 12.06 -18.72 -4.24
CA LEU C 8 12.86 -19.12 -3.10
C LEU C 8 13.07 -17.99 -2.08
N CYS C 9 13.28 -18.40 -0.83
CA CYS C 9 13.38 -17.48 0.30
C CYS C 9 14.82 -16.99 0.43
N VAL C 10 15.01 -15.74 0.83
CA VAL C 10 16.37 -15.27 1.13
C VAL C 10 16.73 -15.67 2.56
N GLY C 11 15.76 -15.55 3.46
CA GLY C 11 15.90 -15.96 4.85
C GLY C 11 16.37 -17.39 5.01
N CYS C 12 15.49 -18.33 4.68
CA CYS C 12 15.77 -19.74 4.96
C CYS C 12 16.24 -20.52 3.75
N GLY C 13 16.15 -19.94 2.56
CA GLY C 13 16.71 -20.60 1.37
C GLY C 13 15.85 -21.69 0.79
N ASN C 14 14.63 -21.83 1.30
CA ASN C 14 13.70 -22.87 0.92
C ASN C 14 12.54 -22.33 0.10
N GLN C 15 11.86 -23.20 -0.63
CA GLN C 15 10.80 -22.77 -1.54
C GLN C 15 9.61 -22.12 -0.83
N ILE C 16 9.23 -20.94 -1.27
CA ILE C 16 8.06 -20.30 -0.68
C ILE C 16 6.79 -20.84 -1.32
N HIS C 17 5.94 -21.46 -0.51
CA HIS C 17 4.65 -21.97 -0.99
C HIS C 17 3.44 -21.27 -0.36
N ASP C 18 3.64 -20.19 0.38
CA ASP C 18 2.52 -19.55 1.06
C ASP C 18 1.61 -18.81 0.07
N GLN C 19 0.48 -18.25 0.55
CA GLN C 19 -0.50 -17.63 -0.36
C GLN C 19 0.15 -16.45 -1.08
N TYR C 20 0.85 -15.63 -0.28
CA TYR C 20 1.62 -14.51 -0.79
C TYR C 20 3.09 -14.68 -0.42
N ILE C 21 3.95 -14.00 -1.16
CA ILE C 21 5.39 -14.01 -0.89
C ILE C 21 5.89 -12.57 -0.80
N LEU C 22 6.27 -12.16 0.40
CA LEU C 22 6.69 -10.80 0.64
C LEU C 22 7.99 -10.51 -0.11
N ARG C 23 7.97 -9.54 -1.01
CA ARG C 23 9.18 -9.13 -1.72
C ARG C 23 9.68 -7.83 -1.11
N VAL C 24 10.99 -7.75 -0.85
CA VAL C 24 11.62 -6.46 -0.59
C VAL C 24 12.35 -6.02 -1.83
N SER C 25 12.34 -4.71 -2.11
CA SER C 25 12.86 -4.24 -3.39
C SER C 25 14.37 -4.29 -3.43
N PRO C 26 14.95 -4.66 -4.58
CA PRO C 26 14.32 -5.27 -5.73
C PRO C 26 14.70 -6.75 -5.76
N ASP C 27 13.79 -7.61 -6.20
CA ASP C 27 14.19 -9.00 -6.40
C ASP C 27 14.75 -9.64 -5.13
N LEU C 28 13.96 -9.69 -4.05
CA LEU C 28 14.33 -10.37 -2.83
C LEU C 28 13.06 -10.90 -2.17
N GLU C 29 12.80 -12.20 -2.32
CA GLU C 29 11.52 -12.80 -1.92
C GLU C 29 11.64 -13.51 -0.58
N TRP C 30 10.62 -13.43 0.26
CA TRP C 30 10.66 -13.94 1.64
C TRP C 30 9.36 -14.59 2.04
N HIS C 31 9.44 -15.64 2.85
CA HIS C 31 8.29 -16.04 3.63
C HIS C 31 8.01 -14.89 4.58
N ALA C 32 6.74 -14.69 4.94
CA ALA C 32 6.37 -13.65 5.89
C ALA C 32 6.89 -13.98 7.26
N ALA C 33 7.15 -15.27 7.52
CA ALA C 33 7.73 -15.66 8.80
C ALA C 33 9.23 -15.44 8.85
N CYS C 34 9.86 -15.23 7.71
CA CYS C 34 11.32 -15.15 7.64
C CYS C 34 11.82 -13.74 7.51
N LEU C 35 10.91 -12.79 7.32
CA LEU C 35 11.30 -11.40 7.12
C LEU C 35 11.37 -10.67 8.47
N LYS C 36 12.56 -10.59 9.06
CA LYS C 36 12.74 -10.19 10.46
C LYS C 36 13.89 -9.20 10.66
N CYS C 37 13.79 -8.36 11.69
CA CYS C 37 14.88 -7.44 12.01
C CYS C 37 16.04 -8.29 12.51
N ALA C 38 17.24 -8.01 12.00
CA ALA C 38 18.43 -8.73 12.43
C ALA C 38 18.75 -8.42 13.87
N GLU C 39 18.40 -7.23 14.33
CA GLU C 39 18.75 -6.83 15.67
C GLU C 39 17.60 -7.22 16.59
N CYS C 40 16.41 -6.67 16.36
CA CYS C 40 15.31 -6.82 17.34
C CYS C 40 14.41 -8.01 17.11
N ASN C 41 14.46 -8.59 15.92
CA ASN C 41 13.76 -9.84 15.58
C ASN C 41 12.30 -9.75 15.16
N GLN C 42 11.70 -8.58 15.37
CA GLN C 42 10.32 -8.32 14.97
C GLN C 42 10.07 -8.58 13.48
N TYR C 43 8.81 -8.81 13.14
CA TYR C 43 8.41 -9.05 11.75
C TYR C 43 8.40 -7.76 10.96
N LEU C 44 9.14 -7.72 9.87
CA LEU C 44 9.13 -6.53 9.04
C LEU C 44 7.76 -6.36 8.33
N ASP C 45 7.05 -7.47 8.06
CA ASP C 45 5.74 -7.35 7.42
C ASP C 45 4.96 -6.22 8.10
N GLU C 46 5.21 -6.03 9.39
CA GLU C 46 4.59 -4.97 10.16
C GLU C 46 4.56 -3.63 9.41
N SER C 47 5.73 -3.04 9.14
CA SER C 47 5.82 -1.73 8.46
C SER C 47 6.12 -1.87 6.97
N CYS C 48 6.11 -0.77 6.23
CA CYS C 48 6.23 -0.92 4.81
C CYS C 48 7.45 -0.34 4.16
N THR C 49 8.49 -0.16 4.94
CA THR C 49 9.83 -0.20 4.40
C THR C 49 10.73 -0.93 5.38
N CYS C 50 11.87 -1.33 4.87
CA CYS C 50 12.91 -1.72 5.77
C CYS C 50 14.19 -1.31 5.11
N PHE C 51 15.29 -1.51 5.83
CA PHE C 51 16.58 -1.19 5.31
C PHE C 51 17.37 -2.48 5.12
N VAL C 52 18.29 -2.45 4.18
CA VAL C 52 19.09 -3.61 3.85
C VAL C 52 20.53 -3.13 3.85
N ARG C 53 21.29 -3.56 4.86
CA ARG C 53 22.72 -3.23 4.98
C ARG C 53 23.56 -4.48 5.15
N ASP C 54 24.71 -4.48 4.48
CA ASP C 54 25.67 -5.60 4.49
C ASP C 54 24.99 -6.95 4.50
N GLY C 55 24.02 -7.13 3.60
CA GLY C 55 23.30 -8.40 3.45
C GLY C 55 22.37 -8.79 4.59
N LYS C 56 22.04 -7.86 5.49
CA LYS C 56 21.13 -8.13 6.59
C LYS C 56 19.91 -7.22 6.46
N THR C 57 18.85 -7.48 7.20
CA THR C 57 17.64 -6.65 7.14
C THR C 57 17.15 -6.11 8.53
N TYR C 58 16.98 -4.79 8.59
CA TYR C 58 16.77 -4.06 9.84
C TYR C 58 15.51 -3.18 9.82
N CYS C 59 14.79 -3.12 10.95
CA CYS C 59 13.71 -2.16 11.12
C CYS C 59 14.32 -0.77 11.33
N LYS C 60 13.60 0.26 10.89
CA LYS C 60 14.14 1.63 10.92
C LYS C 60 14.79 2.02 12.26
N ARG C 61 14.12 1.78 13.37
CA ARG C 61 14.73 2.10 14.66
C ARG C 61 16.14 1.57 14.69
N ASP C 62 16.29 0.27 14.42
CA ASP C 62 17.57 -0.41 14.59
C ASP C 62 18.58 -0.08 13.51
N TYR C 63 18.11 0.34 12.34
CA TYR C 63 19.01 0.81 11.30
C TYR C 63 19.69 2.09 11.74
N ILE C 64 18.90 3.09 12.08
CA ILE C 64 19.45 4.35 12.53
C ILE C 64 20.45 4.15 13.68
N ARG C 65 20.04 3.36 14.67
CA ARG C 65 20.94 3.04 15.76
C ARG C 65 22.23 2.49 15.21
N LEU C 66 22.15 1.50 14.32
CA LEU C 66 23.35 0.83 13.84
C LEU C 66 24.06 1.48 12.65
N TYR C 67 23.35 2.29 11.87
CA TYR C 67 23.90 2.78 10.60
C TYR C 67 23.69 4.26 10.28
N GLY C 68 22.75 4.90 10.96
CA GLY C 68 22.44 6.30 10.68
C GLY C 68 23.51 7.23 11.21
N ILE C 69 23.64 8.39 10.59
CA ILE C 69 24.58 9.38 11.09
C ILE C 69 24.22 9.65 12.55
N LYS C 70 25.24 9.93 13.36
CA LYS C 70 25.07 10.14 14.79
C LYS C 70 25.50 11.57 15.16
N CYS C 71 24.57 12.35 15.69
CA CYS C 71 24.86 13.72 16.15
C CYS C 71 26.18 13.78 16.89
N ALA C 72 27.03 14.73 16.52
CA ALA C 72 28.36 14.83 17.12
C ALA C 72 28.30 15.10 18.63
N LYS C 73 27.26 15.78 19.09
CA LYS C 73 27.05 16.05 20.51
C LYS C 73 26.42 14.86 21.29
N CYS C 74 25.10 14.73 21.28
CA CYS C 74 24.42 13.72 22.11
C CYS C 74 24.57 12.28 21.60
N SER C 75 24.97 12.12 20.34
CA SER C 75 25.39 10.81 19.78
C SER C 75 24.25 9.99 19.20
N ILE C 76 23.01 10.27 19.61
CA ILE C 76 21.80 9.68 19.03
C ILE C 76 21.66 9.98 17.53
N GLY C 77 20.91 9.15 16.81
CA GLY C 77 20.62 9.40 15.40
C GLY C 77 19.45 10.33 15.20
N PHE C 78 19.04 10.51 13.94
CA PHE C 78 17.92 11.39 13.62
C PHE C 78 17.13 10.98 12.38
N SER C 79 15.82 11.15 12.45
CA SER C 79 14.91 10.86 11.36
C SER C 79 15.20 11.80 10.18
N LYS C 80 15.01 11.31 8.97
CA LYS C 80 15.27 12.10 7.76
C LYS C 80 14.57 13.44 7.77
N ASN C 81 13.39 13.49 8.40
CA ASN C 81 12.54 14.69 8.42
C ASN C 81 12.88 15.68 9.54
N ASP C 82 14.01 15.47 10.21
CA ASP C 82 14.41 16.36 11.28
C ASP C 82 15.44 17.41 10.79
N PHE C 83 15.30 18.64 11.29
CA PHE C 83 16.27 19.70 11.04
C PHE C 83 17.56 19.42 11.80
N VAL C 84 18.66 19.95 11.29
CA VAL C 84 19.98 19.67 11.84
C VAL C 84 21.03 20.66 11.35
N MET C 85 21.89 21.11 12.26
CA MET C 85 23.03 21.95 11.88
C MET C 85 24.21 21.06 11.51
N ARG C 86 24.94 21.43 10.47
CA ARG C 86 26.08 20.65 9.99
C ARG C 86 27.37 21.45 10.17
N ALA C 87 28.48 20.73 10.28
CA ALA C 87 29.79 21.35 10.55
C ALA C 87 30.93 20.41 10.17
N ARG C 88 31.48 20.61 8.96
CA ARG C 88 32.63 19.84 8.47
C ARG C 88 32.39 18.32 8.59
N SER C 89 31.29 17.86 8.02
CA SER C 89 31.01 16.43 8.01
C SER C 89 30.68 15.88 9.41
N LYS C 90 30.45 16.76 10.38
CA LYS C 90 29.82 16.39 11.65
C LYS C 90 28.46 17.13 11.72
N VAL C 91 27.42 16.44 12.21
CA VAL C 91 26.07 16.99 12.21
C VAL C 91 25.52 17.11 13.64
N TYR C 92 24.47 17.91 13.79
CA TYR C 92 23.97 18.28 15.12
C TYR C 92 22.47 18.56 15.13
N HIS C 93 21.81 18.18 16.21
CA HIS C 93 20.45 18.64 16.49
C HIS C 93 20.49 20.13 16.80
N ILE C 94 19.48 20.89 16.39
CA ILE C 94 19.44 22.33 16.69
C ILE C 94 19.85 22.56 18.16
N GLU C 95 19.11 21.94 19.08
CA GLU C 95 19.33 22.14 20.52
C GLU C 95 20.71 21.71 21.02
N CYS C 96 21.35 20.78 20.31
CA CYS C 96 22.69 20.33 20.66
C CYS C 96 23.81 21.07 19.91
N PHE C 97 23.46 21.98 19.01
CA PHE C 97 24.48 22.71 18.25
C PHE C 97 24.93 23.93 19.01
N ARG C 98 25.86 23.73 19.94
CA ARG C 98 26.26 24.83 20.81
C ARG C 98 27.69 24.72 21.33
N CYS C 99 28.15 25.79 22.00
CA CYS C 99 29.55 25.94 22.36
C CYS C 99 29.88 25.16 23.63
N VAL C 100 30.86 24.25 23.52
CA VAL C 100 31.32 23.45 24.66
C VAL C 100 31.52 24.30 25.90
N ALA C 101 32.31 25.36 25.76
CA ALA C 101 32.70 26.23 26.86
C ALA C 101 31.52 26.94 27.53
N CYS C 102 30.82 27.80 26.79
CA CYS C 102 29.74 28.58 27.40
C CYS C 102 28.37 27.89 27.39
N SER C 103 28.22 26.84 26.59
CA SER C 103 26.97 26.08 26.56
C SER C 103 25.82 26.92 26.01
N ARG C 104 26.16 27.99 25.30
CA ARG C 104 25.18 28.87 24.64
C ARG C 104 25.02 28.50 23.15
N GLN C 105 23.77 28.55 22.66
CA GLN C 105 23.45 28.07 21.31
C GLN C 105 24.03 28.94 20.22
N LEU C 106 24.66 28.31 19.23
CA LEU C 106 25.25 29.02 18.10
C LEU C 106 24.17 29.24 17.05
N ILE C 107 24.03 30.48 16.58
CA ILE C 107 23.02 30.82 15.58
C ILE C 107 23.61 30.96 14.16
N PRO C 108 22.75 30.91 13.14
CA PRO C 108 23.24 31.15 11.79
C PRO C 108 23.80 32.55 11.66
N GLY C 109 25.09 32.63 11.31
CA GLY C 109 25.82 33.91 11.27
C GLY C 109 26.97 33.99 12.26
N ASP C 110 27.07 33.03 13.17
CA ASP C 110 28.12 33.03 14.19
C ASP C 110 29.47 32.56 13.67
N GLU C 111 30.54 33.08 14.24
CA GLU C 111 31.88 32.57 13.98
C GLU C 111 32.18 31.52 15.03
N PHE C 112 32.74 30.40 14.59
CA PHE C 112 33.07 29.29 15.48
C PHE C 112 34.14 28.40 14.85
N ALA C 113 34.62 27.43 15.61
CA ALA C 113 35.42 26.35 15.04
C ALA C 113 35.04 25.02 15.71
N LEU C 114 35.21 23.93 14.95
CA LEU C 114 35.11 22.58 15.51
C LEU C 114 36.53 22.18 15.91
N ARG C 115 36.86 22.39 17.18
CA ARG C 115 38.18 22.04 17.71
C ARG C 115 38.15 20.59 18.19
N GLU C 116 39.33 20.05 18.51
CA GLU C 116 39.45 18.65 18.95
C GLU C 116 38.54 18.28 20.14
N ASP C 117 38.20 19.26 20.99
CA ASP C 117 37.35 19.02 22.16
C ASP C 117 35.89 19.42 21.92
N GLY C 118 35.57 19.80 20.68
CA GLY C 118 34.19 20.01 20.27
C GLY C 118 33.93 21.34 19.57
N LEU C 119 32.79 21.92 19.89
CA LEU C 119 32.33 23.16 19.31
C LEU C 119 32.66 24.30 20.28
N PHE C 120 33.56 25.18 19.88
CA PHE C 120 33.83 26.40 20.62
C PHE C 120 33.09 27.49 19.87
N CYS C 121 32.83 28.62 20.53
CA CYS C 121 32.39 29.81 19.80
C CYS C 121 33.65 30.60 19.48
N ARG C 122 33.49 31.75 18.84
CA ARG C 122 34.63 32.61 18.51
C ARG C 122 35.31 33.12 19.79
N ALA C 123 34.53 33.62 20.73
CA ALA C 123 35.02 34.10 22.03
C ALA C 123 35.87 33.07 22.81
N ASP C 124 35.33 31.86 22.93
CA ASP C 124 36.00 30.77 23.66
C ASP C 124 37.13 30.10 22.86
N HIS C 125 37.19 30.34 21.55
CA HIS C 125 38.29 29.82 20.72
C HIS C 125 39.52 30.71 20.78
N ASP C 126 39.32 32.02 20.93
CA ASP C 126 40.44 32.96 20.99
C ASP C 126 41.25 32.82 22.29
N VAL C 127 40.92 31.83 23.13
CA VAL C 127 41.77 31.44 24.26
C VAL C 127 42.89 30.46 23.84
N VAL C 128 42.81 29.96 22.60
CA VAL C 128 43.74 28.95 22.06
C VAL C 128 45.23 29.22 22.31
N ASP C 143 41.35 27.75 13.31
CA ASP C 143 40.74 28.47 12.19
C ASP C 143 39.21 28.31 12.22
N VAL C 144 38.51 29.42 11.98
CA VAL C 144 37.07 29.50 12.19
C VAL C 144 36.26 29.36 10.90
N MET C 145 34.95 29.21 11.07
CA MET C 145 33.99 29.16 9.97
C MET C 145 32.77 29.98 10.39
N VAL C 146 31.77 30.07 9.52
CA VAL C 146 30.51 30.75 9.86
C VAL C 146 29.36 29.73 9.99
N VAL C 147 28.36 30.04 10.81
CA VAL C 147 27.20 29.18 10.99
C VAL C 147 26.21 29.43 9.84
N GLY C 148 25.87 28.38 9.10
CA GLY C 148 24.82 28.43 8.06
C GLY C 148 23.48 27.95 8.59
N GLU C 149 22.39 28.38 7.94
CA GLU C 149 21.02 28.11 8.44
C GLU C 149 20.72 26.60 8.54
N PRO C 150 19.99 26.17 9.60
CA PRO C 150 19.76 24.76 9.92
C PRO C 150 18.83 24.05 8.94
N THR C 151 19.25 22.91 8.42
CA THR C 151 18.53 22.26 7.33
C THR C 151 17.97 20.90 7.73
N LEU C 152 17.01 20.42 6.93
CA LEU C 152 16.50 19.06 7.02
C LEU C 152 17.48 18.10 6.36
N MET C 153 17.47 16.85 6.79
CA MET C 153 18.49 15.89 6.38
C MET C 153 18.06 15.01 5.21
N GLY C 154 16.85 14.49 5.27
CA GLY C 154 16.31 13.62 4.21
C GLY C 154 17.09 12.33 4.09
N GLY C 158 21.97 6.74 3.20
CA GLY C 158 20.82 5.90 3.47
C GLY C 158 19.87 5.84 2.29
N ASP C 159 20.31 6.47 1.18
CA ASP C 159 19.55 6.50 -0.06
C ASP C 159 19.33 5.08 -0.56
N GLU C 160 20.44 4.40 -0.87
CA GLU C 160 20.41 3.02 -1.34
C GLU C 160 19.66 2.10 -0.37
N ASP C 161 19.73 2.39 0.92
CA ASP C 161 19.41 1.38 1.93
C ASP C 161 17.92 1.15 2.20
N GLU C 162 17.07 2.15 2.02
CA GLU C 162 15.64 1.96 2.30
C GLU C 162 14.93 1.22 1.17
N ARG C 163 14.09 0.26 1.56
CA ARG C 163 13.52 -0.68 0.65
C ARG C 163 12.03 -0.92 0.88
N LEU C 164 11.27 -1.01 -0.22
CA LEU C 164 9.81 -1.06 -0.15
C LEU C 164 9.28 -2.49 -0.09
N ILE C 165 8.56 -2.84 0.97
CA ILE C 165 7.93 -4.16 1.08
C ILE C 165 6.61 -4.24 0.30
N THR C 166 6.42 -5.34 -0.42
CA THR C 166 5.29 -5.52 -1.33
C THR C 166 4.80 -6.96 -1.22
N ARG C 167 3.52 -7.18 -0.93
CA ARG C 167 2.96 -8.55 -0.83
C ARG C 167 2.51 -8.99 -2.21
N LEU C 168 3.08 -10.08 -2.71
CA LEU C 168 2.74 -10.62 -4.04
C LEU C 168 2.16 -12.06 -3.94
N GLU C 169 0.95 -12.26 -4.45
CA GLU C 169 0.34 -13.61 -4.49
C GLU C 169 1.08 -14.47 -5.50
N ASN C 170 1.59 -15.62 -5.08
CA ASN C 170 2.41 -16.47 -5.96
C ASN C 170 1.56 -17.42 -6.80
N THR C 171 2.22 -18.27 -7.59
CA THR C 171 1.52 -19.23 -8.47
C THR C 171 2.15 -20.61 -8.40
ZN ZN D . -6.21 20.22 2.50
ZN ZN E . -7.50 5.46 -8.26
ZN ZN F . -3.52 -9.24 -22.46
ZN ZN G . -3.82 -16.09 -38.20
ZN ZN H . -8.36 -30.42 20.30
ZN ZN I . -24.34 16.88 -4.95
ZN ZN J . -14.83 2.24 0.44
ZN ZN K . -11.11 -17.05 9.11
ZN ZN L . 11.75 -18.66 4.58
ZN ZN M . 14.91 -3.62 14.93
ZN ZN N . 22.34 15.85 19.62
ZN ZN O . 31.46 29.95 24.02
#